data_8AZR
#
_entry.id   8AZR
#
_cell.length_a   86.847
_cell.length_b   40.300
_cell.length_c   55.887
_cell.angle_alpha   90.000
_cell.angle_beta   90.000
_cell.angle_gamma   90.000
#
_symmetry.space_group_name_H-M   'P 21 21 2'
#
loop_
_entity.id
_entity.type
_entity.pdbx_description
1 polymer 'GTPase KRas'
2 non-polymer "GUANOSINE-5'-DIPHOSPHATE"
3 non-polymer 'MAGNESIUM ION'
4 non-polymer 1,2-ETHANEDIOL
5 non-polymer (4~{S})-2-azanyl-4-[3-[6-[(2~{S})-2,4-dimethylpiperazin-1-yl]pyridin-2-yl]-1,2,4-oxadiazol-5-yl]-4-methyl-6,7-dihydro-5~{H}-1-benzothiophene-3-carbonitrile
6 water water
#
_entity_poly.entity_id   1
_entity_poly.type   'polypeptide(L)'
_entity_poly.pdbx_seq_one_letter_code
;GMTEYKLVVVGAGGVGKSALTIQLIQNHFVDEYDPTIEDSYRKQVVIDGETCLLDILDTAGQEEYSAMRDQYMRTGEGFL
CVFAINNTKSFEDIHHYREQIKRVKDSEDVPMVLVGNKSDLPSRTVDTKQAQDLARSYGIPFIETSAKTRQGVDDAFYTL
VREIRKHKEK
;
_entity_poly.pdbx_strand_id   A
#
loop_
_chem_comp.id
_chem_comp.type
_chem_comp.name
_chem_comp.formula
EDO non-polymer 1,2-ETHANEDIOL 'C2 H6 O2'
GDP RNA linking GUANOSINE-5'-DIPHOSPHATE 'C10 H15 N5 O11 P2'
LR4 non-polymer (4~{S})-2-azanyl-4-[3-[6-[(2~{S})-2,4-dimethylpiperazin-1-yl]pyridin-2-yl]-1,2,4-oxadiazol-5-yl]-4-methyl-6,7-dihydro-5~{H}-1-benzothiophene-3-carbonitrile 'C23 H27 N7 O S'
MG non-polymer 'MAGNESIUM ION' 'Mg 2'
#
# COMPACT_ATOMS: atom_id res chain seq x y z
N GLY A 1 -21.41 15.51 2.29
CA GLY A 1 -20.24 15.56 3.15
C GLY A 1 -19.05 15.03 2.39
N MET A 2 -17.86 15.17 2.95
CA MET A 2 -16.66 14.76 2.25
C MET A 2 -16.36 13.33 2.67
N THR A 3 -16.24 12.44 1.67
CA THR A 3 -15.98 11.02 1.97
C THR A 3 -14.56 10.81 2.46
N GLU A 4 -14.42 10.01 3.51
CA GLU A 4 -13.12 9.59 4.02
C GLU A 4 -12.86 8.14 3.59
N TYR A 5 -11.63 7.87 3.15
CA TYR A 5 -11.21 6.54 2.71
C TYR A 5 -10.08 6.07 3.61
N LYS A 6 -10.28 4.93 4.27
CA LYS A 6 -9.26 4.34 5.14
C LYS A 6 -8.39 3.41 4.33
N LEU A 7 -7.15 3.83 4.09
CA LEU A 7 -6.18 3.09 3.28
C LEU A 7 -5.08 2.55 4.19
N VAL A 8 -4.70 1.29 3.98
CA VAL A 8 -3.69 0.64 4.81
C VAL A 8 -2.54 0.21 3.93
N VAL A 9 -1.32 0.59 4.32
CA VAL A 9 -0.11 0.25 3.57
C VAL A 9 0.59 -0.89 4.29
N VAL A 10 0.75 -2.04 3.61
CA VAL A 10 1.34 -3.22 4.20
C VAL A 10 2.46 -3.75 3.31
N GLY A 11 3.30 -4.60 3.91
CA GLY A 11 4.39 -5.22 3.20
C GLY A 11 5.60 -5.34 4.11
N ALA A 12 6.63 -6.06 3.65
CA ALA A 12 7.81 -6.35 4.46
C ALA A 12 8.50 -5.08 4.94
N GLY A 13 9.11 -5.17 6.12
CA GLY A 13 9.94 -4.07 6.60
C GLY A 13 10.96 -3.67 5.56
N GLY A 14 11.13 -2.37 5.34
CA GLY A 14 12.15 -1.84 4.45
C GLY A 14 11.76 -1.68 2.99
N VAL A 15 10.53 -2.02 2.61
CA VAL A 15 10.14 -1.89 1.21
C VAL A 15 9.82 -0.43 0.84
N GLY A 16 9.61 0.43 1.82
CA GLY A 16 9.28 1.82 1.56
C GLY A 16 7.86 2.23 1.88
N LYS A 17 7.17 1.51 2.77
CA LYS A 17 5.82 1.91 3.17
C LYS A 17 5.81 3.32 3.72
N SER A 18 6.74 3.63 4.63
CA SER A 18 6.75 4.96 5.22
C SER A 18 7.14 6.01 4.20
N ALA A 19 8.15 5.73 3.38
CA ALA A 19 8.57 6.71 2.40
C ALA A 19 7.45 7.03 1.42
N LEU A 20 6.69 6.02 0.97
CA LEU A 20 5.55 6.30 0.10
C LEU A 20 4.49 7.11 0.82
N THR A 21 4.17 6.75 2.06
CA THR A 21 3.14 7.46 2.82
C THR A 21 3.53 8.93 3.02
N ILE A 22 4.78 9.17 3.41
CA ILE A 22 5.26 10.54 3.62
C ILE A 22 5.35 11.33 2.30
N GLN A 23 5.68 10.67 1.19
CA GLN A 23 5.62 11.39 -0.09
C GLN A 23 4.21 11.90 -0.34
N LEU A 24 3.21 11.06 -0.12
CA LEU A 24 1.83 11.53 -0.28
C LEU A 24 1.49 12.64 0.72
N ILE A 25 1.91 12.48 1.98
CA ILE A 25 1.49 13.43 3.01
C ILE A 25 2.27 14.73 2.91
N GLN A 26 3.60 14.65 2.81
CA GLN A 26 4.46 15.83 2.84
C GLN A 26 4.85 16.35 1.47
N ASN A 27 4.66 15.56 0.42
CA ASN A 27 5.25 15.86 -0.89
C ASN A 27 6.77 15.99 -0.80
N HIS A 28 7.39 15.09 -0.02
CA HIS A 28 8.82 15.15 0.24
C HIS A 28 9.33 13.72 0.49
N PHE A 29 10.51 13.41 -0.08
CA PHE A 29 11.12 12.10 0.11
C PHE A 29 11.87 12.08 1.43
N VAL A 30 11.53 11.11 2.28
CA VAL A 30 12.20 10.91 3.56
C VAL A 30 12.89 9.55 3.47
N ASP A 31 14.23 9.58 3.37
CA ASP A 31 15.00 8.34 3.25
C ASP A 31 15.21 7.64 4.58
N GLU A 32 14.80 8.28 5.68
CA GLU A 32 15.01 7.75 7.02
C GLU A 32 13.75 8.04 7.83
N TYR A 33 13.01 6.99 8.17
CA TYR A 33 11.85 7.13 9.04
C TYR A 33 11.84 5.92 9.96
N ASP A 34 11.88 6.17 11.27
CA ASP A 34 11.97 5.12 12.31
C ASP A 34 11.18 3.90 11.86
N PRO A 35 11.84 2.78 11.56
N PRO A 35 11.84 2.76 11.62
CA PRO A 35 11.11 1.62 11.02
CA PRO A 35 11.13 1.60 11.05
C PRO A 35 10.08 1.02 11.97
C PRO A 35 10.08 1.02 11.97
N THR A 36 10.09 1.39 13.24
CA THR A 36 9.13 0.85 14.21
C THR A 36 7.85 1.67 14.30
N ILE A 37 7.82 2.88 13.75
CA ILE A 37 6.66 3.75 13.93
C ILE A 37 5.53 3.30 13.03
N GLU A 38 4.43 2.89 13.63
CA GLU A 38 3.19 2.64 12.91
C GLU A 38 2.24 3.77 13.28
N ASP A 39 1.71 4.47 12.28
CA ASP A 39 0.83 5.59 12.61
C ASP A 39 -0.06 5.86 11.41
N SER A 40 -1.03 6.74 11.61
CA SER A 40 -1.97 7.09 10.56
C SER A 40 -1.90 8.58 10.27
N TYR A 41 -2.13 8.94 9.01
CA TYR A 41 -1.91 10.29 8.52
C TYR A 41 -3.04 10.63 7.58
N ARG A 42 -3.63 11.82 7.74
CA ARG A 42 -4.76 12.25 6.91
C ARG A 42 -4.34 13.34 5.91
N LYS A 43 -5.01 13.32 4.76
CA LYS A 43 -4.77 14.29 3.69
C LYS A 43 -6.03 14.48 2.86
N GLN A 44 -6.39 15.75 2.63
CA GLN A 44 -7.46 16.06 1.70
C GLN A 44 -6.89 16.12 0.30
N VAL A 45 -7.50 15.39 -0.63
CA VAL A 45 -7.01 15.32 -2.00
C VAL A 45 -8.18 15.36 -2.95
N VAL A 46 -7.90 15.86 -4.15
CA VAL A 46 -8.86 15.86 -5.25
C VAL A 46 -8.55 14.65 -6.12
N ILE A 47 -9.47 13.70 -6.16
CA ILE A 47 -9.39 12.53 -7.00
C ILE A 47 -10.58 12.59 -7.93
N ASP A 48 -10.32 12.79 -9.22
CA ASP A 48 -11.37 12.87 -10.22
C ASP A 48 -12.32 14.03 -9.90
N GLY A 49 -11.74 15.18 -9.53
CA GLY A 49 -12.50 16.35 -9.17
C GLY A 49 -13.15 16.33 -7.80
N GLU A 50 -13.22 15.16 -7.15
CA GLU A 50 -13.86 15.03 -5.84
C GLU A 50 -12.85 15.30 -4.75
N THR A 51 -13.18 16.24 -3.85
CA THR A 51 -12.37 16.40 -2.65
C THR A 51 -12.76 15.29 -1.68
N CYS A 52 -11.79 14.45 -1.33
CA CYS A 52 -12.02 13.42 -0.34
C CYS A 52 -10.88 13.42 0.66
N LEU A 53 -11.11 12.75 1.77
CA LEU A 53 -10.22 12.73 2.92
C LEU A 53 -9.58 11.35 2.96
N LEU A 54 -8.27 11.29 2.75
CA LEU A 54 -7.56 10.03 2.89
C LEU A 54 -7.05 9.88 4.31
N ASP A 55 -7.20 8.67 4.86
CA ASP A 55 -6.68 8.32 6.17
C ASP A 55 -5.76 7.13 5.95
N ILE A 56 -4.45 7.35 5.95
CA ILE A 56 -3.50 6.32 5.56
C ILE A 56 -2.84 5.73 6.79
N LEU A 57 -3.01 4.42 6.99
CA LEU A 57 -2.34 3.72 8.08
C LEU A 57 -1.06 3.12 7.52
N ASP A 58 0.06 3.62 8.00
CA ASP A 58 1.38 3.15 7.62
C ASP A 58 1.76 2.08 8.65
N THR A 59 1.67 0.80 8.26
CA THR A 59 1.89 -0.28 9.23
C THR A 59 3.38 -0.53 9.43
N ALA A 60 3.68 -1.16 10.56
CA ALA A 60 5.06 -1.43 10.96
C ALA A 60 5.05 -2.50 12.04
N GLY A 61 6.21 -3.08 12.28
CA GLY A 61 6.38 -3.97 13.41
C GLY A 61 6.23 -5.43 13.06
N GLN A 62 6.22 -6.25 14.10
CA GLN A 62 6.21 -7.70 13.91
C GLN A 62 4.80 -8.22 13.72
N GLU A 63 4.72 -9.46 13.21
CA GLU A 63 3.45 -10.17 13.12
C GLU A 63 2.74 -10.18 14.47
N GLU A 64 1.44 -9.92 14.45
CA GLU A 64 0.60 -10.17 15.62
C GLU A 64 -0.79 -10.55 15.13
N TYR A 65 -1.23 -11.77 15.44
CA TYR A 65 -2.55 -12.23 15.01
C TYR A 65 -3.52 -12.30 16.18
N SER A 66 -3.62 -11.21 16.92
CA SER A 66 -4.58 -11.05 18.01
C SER A 66 -5.92 -10.56 17.47
N ALA A 67 -6.97 -10.75 18.29
CA ALA A 67 -8.27 -10.18 17.95
C ALA A 67 -8.19 -8.67 17.79
N MET A 68 -7.41 -8.02 18.67
CA MET A 68 -7.27 -6.57 18.63
C MET A 68 -6.66 -6.10 17.32
N ARG A 69 -5.55 -6.72 16.89
CA ARG A 69 -4.89 -6.27 15.67
C ARG A 69 -5.76 -6.56 14.45
N ASP A 70 -6.43 -7.72 14.44
CA ASP A 70 -7.38 -8.06 13.39
C ASP A 70 -8.47 -6.99 13.29
N GLN A 71 -9.10 -6.68 14.41
CA GLN A 71 -10.10 -5.62 14.45
C GLN A 71 -9.55 -4.33 13.86
N TYR A 72 -8.32 -3.98 14.22
CA TYR A 72 -7.71 -2.75 13.75
C TYR A 72 -7.51 -2.77 12.23
N MET A 73 -6.94 -3.85 11.70
CA MET A 73 -6.76 -3.89 10.26
C MET A 73 -8.07 -4.00 9.52
N ARG A 74 -9.10 -4.54 10.17
CA ARG A 74 -10.44 -4.63 9.59
C ARG A 74 -11.02 -3.25 9.29
N THR A 75 -10.56 -2.19 9.97
CA THR A 75 -11.05 -0.85 9.66
C THR A 75 -10.60 -0.40 8.28
N GLY A 76 -9.58 -1.04 7.71
CA GLY A 76 -9.09 -0.61 6.41
C GLY A 76 -10.09 -0.95 5.33
N GLU A 77 -10.35 0.03 4.45
CA GLU A 77 -11.24 -0.18 3.30
C GLU A 77 -10.49 -0.66 2.07
N GLY A 78 -9.23 -0.29 1.94
CA GLY A 78 -8.40 -0.77 0.84
C GLY A 78 -6.97 -0.85 1.32
N PHE A 79 -6.17 -1.64 0.60
CA PHE A 79 -4.82 -1.99 1.03
C PHE A 79 -3.83 -1.86 -0.12
N LEU A 80 -2.68 -1.25 0.16
CA LEU A 80 -1.53 -1.31 -0.74
C LEU A 80 -0.61 -2.43 -0.25
N CYS A 81 -0.36 -3.40 -1.11
CA CYS A 81 0.59 -4.46 -0.80
C CYS A 81 1.90 -4.12 -1.51
N VAL A 82 2.88 -3.69 -0.74
CA VAL A 82 4.12 -3.09 -1.25
C VAL A 82 5.25 -4.11 -1.14
N PHE A 83 5.99 -4.27 -2.24
CA PHE A 83 7.27 -4.95 -2.23
C PHE A 83 8.30 -4.02 -2.86
N ALA A 84 9.58 -4.38 -2.80
CA ALA A 84 10.64 -3.59 -3.41
C ALA A 84 11.21 -4.37 -4.59
N ILE A 85 11.40 -3.69 -5.71
CA ILE A 85 11.77 -4.37 -6.95
C ILE A 85 13.17 -4.97 -6.89
N ASN A 86 13.98 -4.60 -5.89
CA ASN A 86 15.33 -5.14 -5.73
C ASN A 86 15.43 -6.09 -4.56
N ASN A 87 14.30 -6.59 -4.06
CA ASN A 87 14.29 -7.52 -2.93
C ASN A 87 13.30 -8.63 -3.22
N THR A 88 13.82 -9.76 -3.71
CA THR A 88 12.94 -10.88 -4.05
C THR A 88 12.12 -11.35 -2.86
N LYS A 89 12.70 -11.37 -1.65
CA LYS A 89 11.95 -11.92 -0.53
C LYS A 89 10.72 -11.08 -0.24
N SER A 90 10.84 -9.74 -0.35
CA SER A 90 9.67 -8.90 -0.11
C SER A 90 8.57 -9.19 -1.12
N PHE A 91 8.93 -9.55 -2.36
CA PHE A 91 7.91 -9.91 -3.34
C PHE A 91 7.30 -11.26 -3.00
N GLU A 92 8.13 -12.23 -2.60
CA GLU A 92 7.63 -13.55 -2.22
C GLU A 92 6.81 -13.52 -0.95
N ASP A 93 6.85 -12.42 -0.18
CA ASP A 93 6.00 -12.26 1.00
C ASP A 93 4.59 -11.77 0.65
N ILE A 94 4.39 -11.23 -0.55
CA ILE A 94 3.13 -10.54 -0.86
C ILE A 94 1.93 -11.46 -0.66
N HIS A 95 2.04 -12.72 -1.07
CA HIS A 95 0.87 -13.60 -0.94
C HIS A 95 0.43 -13.75 0.51
N HIS A 96 1.37 -13.70 1.46
CA HIS A 96 0.99 -13.73 2.87
C HIS A 96 0.14 -12.53 3.24
N TYR A 97 0.60 -11.32 2.91
CA TYR A 97 -0.16 -10.12 3.25
C TYR A 97 -1.54 -10.16 2.61
N ARG A 98 -1.62 -10.56 1.34
CA ARG A 98 -2.92 -10.68 0.70
C ARG A 98 -3.81 -11.68 1.42
N GLU A 99 -3.25 -12.85 1.77
CA GLU A 99 -4.05 -13.86 2.47
C GLU A 99 -4.56 -13.35 3.80
N GLN A 100 -3.75 -12.61 4.55
CA GLN A 100 -4.22 -12.06 5.81
C GLN A 100 -5.29 -10.98 5.61
N ILE A 101 -5.18 -10.17 4.54
CA ILE A 101 -6.23 -9.18 4.27
C ILE A 101 -7.54 -9.88 3.96
N LYS A 102 -7.50 -10.87 3.06
CA LYS A 102 -8.70 -11.65 2.74
C LYS A 102 -9.31 -12.26 4.00
N ARG A 103 -8.48 -12.79 4.89
CA ARG A 103 -8.99 -13.42 6.11
C ARG A 103 -9.68 -12.42 7.01
N VAL A 104 -9.02 -11.29 7.28
CA VAL A 104 -9.55 -10.37 8.28
C VAL A 104 -10.75 -9.59 7.74
N LYS A 105 -10.82 -9.38 6.43
CA LYS A 105 -11.96 -8.74 5.82
C LYS A 105 -13.05 -9.74 5.46
N ASP A 106 -12.76 -11.04 5.56
CA ASP A 106 -13.67 -12.13 5.21
C ASP A 106 -14.32 -11.88 3.85
N SER A 107 -13.46 -11.71 2.83
CA SER A 107 -13.92 -11.44 1.48
C SER A 107 -12.81 -11.75 0.49
N GLU A 108 -13.18 -12.33 -0.64
CA GLU A 108 -12.27 -12.44 -1.77
C GLU A 108 -12.17 -11.13 -2.56
N ASP A 109 -13.02 -10.15 -2.25
CA ASP A 109 -13.13 -8.89 -2.98
C ASP A 109 -12.84 -7.74 -2.00
N VAL A 110 -11.57 -7.51 -1.74
CA VAL A 110 -11.12 -6.36 -0.94
C VAL A 110 -10.35 -5.45 -1.89
N PRO A 111 -10.69 -4.16 -1.96
CA PRO A 111 -9.89 -3.23 -2.78
C PRO A 111 -8.42 -3.34 -2.43
N MET A 112 -7.58 -3.56 -3.45
CA MET A 112 -6.17 -3.78 -3.22
C MET A 112 -5.38 -3.41 -4.46
N VAL A 113 -4.17 -2.90 -4.24
CA VAL A 113 -3.24 -2.57 -5.32
C VAL A 113 -1.89 -3.17 -4.97
N LEU A 114 -1.27 -3.85 -5.93
CA LEU A 114 0.09 -4.34 -5.79
C LEU A 114 1.05 -3.21 -6.19
N VAL A 115 2.03 -2.93 -5.33
CA VAL A 115 2.94 -1.81 -5.52
C VAL A 115 4.38 -2.32 -5.57
N GLY A 116 5.06 -2.06 -6.70
CA GLY A 116 6.48 -2.35 -6.83
C GLY A 116 7.29 -1.09 -6.60
N ASN A 117 7.85 -0.94 -5.40
CA ASN A 117 8.54 0.29 -5.05
C ASN A 117 10.05 0.21 -5.32
N LYS A 118 10.70 1.38 -5.20
CA LYS A 118 12.12 1.58 -5.48
C LYS A 118 12.44 1.41 -6.97
N SER A 119 11.48 1.82 -7.80
CA SER A 119 11.64 1.75 -9.26
C SER A 119 12.77 2.63 -9.77
N ASP A 120 13.27 3.56 -8.94
CA ASP A 120 14.41 4.40 -9.33
C ASP A 120 15.74 3.66 -9.29
N LEU A 121 15.82 2.47 -8.61
CA LEU A 121 17.09 1.78 -8.42
C LEU A 121 17.42 0.84 -9.58
N PRO A 122 18.70 0.71 -9.90
CA PRO A 122 19.11 -0.18 -11.00
C PRO A 122 19.26 -1.64 -10.59
N SER A 123 19.13 -1.96 -9.31
CA SER A 123 19.41 -3.30 -8.79
C SER A 123 18.22 -4.25 -8.85
N ARG A 124 17.44 -4.22 -9.94
CA ARG A 124 16.21 -5.00 -10.02
C ARG A 124 16.48 -6.50 -9.90
N THR A 125 15.68 -7.18 -9.07
CA THR A 125 15.67 -8.63 -8.99
C THR A 125 14.30 -9.23 -9.29
N VAL A 126 13.24 -8.43 -9.33
CA VAL A 126 11.89 -8.88 -9.64
C VAL A 126 11.49 -8.28 -10.98
N ASP A 127 11.30 -9.15 -11.98
CA ASP A 127 10.88 -8.70 -13.30
C ASP A 127 9.51 -8.04 -13.24
N THR A 128 9.35 -6.94 -13.96
CA THR A 128 8.05 -6.29 -14.06
C THR A 128 6.98 -7.26 -14.54
N LYS A 129 7.35 -8.17 -15.46
CA LYS A 129 6.35 -9.09 -15.97
C LYS A 129 5.88 -10.04 -14.86
N GLN A 130 6.80 -10.48 -14.01
CA GLN A 130 6.41 -11.33 -12.89
C GLN A 130 5.44 -10.59 -11.97
N ALA A 131 5.72 -9.32 -11.69
CA ALA A 131 4.85 -8.53 -10.83
C ALA A 131 3.49 -8.28 -11.46
N GLN A 132 3.46 -7.87 -12.73
CA GLN A 132 2.19 -7.70 -13.44
C GLN A 132 1.39 -9.01 -13.44
N ASP A 133 2.07 -10.13 -13.68
CA ASP A 133 1.37 -11.42 -13.70
C ASP A 133 0.81 -11.80 -12.33
N LEU A 134 1.48 -11.37 -11.24
CA LEU A 134 0.92 -11.65 -9.91
C LEU A 134 -0.33 -10.81 -9.66
N ALA A 135 -0.29 -9.53 -10.03
CA ALA A 135 -1.48 -8.71 -9.93
C ALA A 135 -2.60 -9.32 -10.79
N ARG A 136 -2.25 -9.82 -11.96
CA ARG A 136 -3.23 -10.48 -12.81
C ARG A 136 -3.84 -11.70 -12.12
N SER A 137 -3.01 -12.52 -11.45
CA SER A 137 -3.52 -13.69 -10.71
C SER A 137 -4.56 -13.28 -9.68
N TYR A 138 -4.34 -12.17 -8.99
CA TYR A 138 -5.24 -11.66 -7.98
C TYR A 138 -6.39 -10.81 -8.55
N GLY A 139 -6.34 -10.43 -9.82
CA GLY A 139 -7.33 -9.53 -10.37
C GLY A 139 -7.29 -8.13 -9.81
N ILE A 140 -6.09 -7.61 -9.53
CA ILE A 140 -5.94 -6.28 -8.96
C ILE A 140 -4.97 -5.49 -9.81
N PRO A 141 -4.94 -4.17 -9.68
CA PRO A 141 -3.95 -3.37 -10.41
C PRO A 141 -2.54 -3.47 -9.82
N PHE A 142 -1.56 -3.23 -10.69
CA PHE A 142 -0.15 -3.16 -10.33
C PHE A 142 0.38 -1.78 -10.69
N ILE A 143 1.05 -1.14 -9.74
CA ILE A 143 1.59 0.21 -9.94
C ILE A 143 3.06 0.19 -9.56
N GLU A 144 3.90 0.77 -10.43
CA GLU A 144 5.33 0.86 -10.19
C GLU A 144 5.60 2.21 -9.54
N THR A 145 6.28 2.21 -8.39
CA THR A 145 6.50 3.45 -7.66
C THR A 145 7.97 3.67 -7.32
N SER A 146 8.29 4.94 -7.10
CA SER A 146 9.48 5.36 -6.37
C SER A 146 9.09 6.44 -5.37
N ALA A 147 9.24 6.13 -4.08
CA ALA A 147 9.10 7.19 -3.08
C ALA A 147 10.18 8.26 -3.24
N LYS A 148 11.35 7.90 -3.79
CA LYS A 148 12.42 8.87 -3.98
C LYS A 148 12.04 9.95 -4.99
N THR A 149 11.56 9.55 -6.17
CA THR A 149 11.26 10.51 -7.24
C THR A 149 9.80 10.89 -7.32
N ARG A 150 8.93 10.22 -6.59
CA ARG A 150 7.48 10.38 -6.53
C ARG A 150 6.79 9.67 -7.68
N GLN A 151 7.53 8.96 -8.55
CA GLN A 151 6.94 8.09 -9.56
C GLN A 151 5.85 7.23 -8.96
N GLY A 152 4.64 7.33 -9.53
CA GLY A 152 3.54 6.42 -9.22
C GLY A 152 2.83 6.61 -7.91
N VAL A 153 3.24 7.59 -7.08
CA VAL A 153 2.71 7.65 -5.72
C VAL A 153 1.22 7.94 -5.75
N ASP A 154 0.82 9.02 -6.44
CA ASP A 154 -0.62 9.32 -6.59
C ASP A 154 -1.34 8.16 -7.27
N ASP A 155 -0.73 7.60 -8.32
CA ASP A 155 -1.34 6.47 -9.02
C ASP A 155 -1.70 5.35 -8.06
N ALA A 156 -0.80 5.03 -7.15
CA ALA A 156 -1.06 3.91 -6.25
C ALA A 156 -2.21 4.24 -5.30
N PHE A 157 -2.15 5.39 -4.63
CA PHE A 157 -3.19 5.73 -3.65
C PHE A 157 -4.51 6.05 -4.35
N TYR A 158 -4.47 6.76 -5.48
CA TYR A 158 -5.72 7.12 -6.13
C TYR A 158 -6.41 5.91 -6.73
N THR A 159 -5.64 5.00 -7.32
CA THR A 159 -6.24 3.77 -7.83
C THR A 159 -6.97 3.03 -6.72
N LEU A 160 -6.35 2.96 -5.53
CA LEU A 160 -6.99 2.26 -4.43
C LEU A 160 -8.32 2.92 -4.08
N VAL A 161 -8.36 4.26 -4.06
CA VAL A 161 -9.61 4.97 -3.81
C VAL A 161 -10.65 4.62 -4.88
N ARG A 162 -10.22 4.58 -6.14
CA ARG A 162 -11.14 4.21 -7.21
C ARG A 162 -11.65 2.78 -7.04
N GLU A 163 -10.78 1.86 -6.61
CA GLU A 163 -11.20 0.48 -6.35
C GLU A 163 -12.23 0.43 -5.23
N ILE A 164 -12.06 1.27 -4.20
CA ILE A 164 -13.03 1.33 -3.10
C ILE A 164 -14.37 1.85 -3.59
N ARG A 165 -14.35 2.95 -4.36
CA ARG A 165 -15.59 3.48 -4.93
C ARG A 165 -16.33 2.41 -5.73
N LYS A 166 -15.62 1.68 -6.59
CA LYS A 166 -16.25 0.57 -7.32
C LYS A 166 -16.88 -0.44 -6.34
N HIS A 167 -16.10 -0.90 -5.36
CA HIS A 167 -16.55 -1.98 -4.49
C HIS A 167 -17.81 -1.60 -3.72
N LYS A 168 -17.99 -0.32 -3.42
CA LYS A 168 -19.18 0.13 -2.71
C LYS A 168 -20.43 -0.03 -3.55
PB GDP B . 9.23 0.65 5.56
O1B GDP B . 8.46 -0.20 4.57
O2B GDP B . 8.40 1.77 6.15
O3B GDP B . 9.96 -0.19 6.59
O3A GDP B . 10.34 1.38 4.69
PA GDP B . 11.06 2.80 4.76
O1A GDP B . 11.57 2.89 6.15
O2A GDP B . 10.17 3.87 4.27
O5' GDP B . 12.27 2.64 3.71
C5' GDP B . 13.28 1.63 3.92
C4' GDP B . 14.55 1.98 3.19
O4' GDP B . 14.31 2.07 1.78
C3' GDP B . 15.19 3.32 3.58
O3' GDP B . 16.60 3.21 3.44
C2' GDP B . 14.60 4.27 2.54
O2' GDP B . 15.46 5.37 2.30
C1' GDP B . 14.60 3.37 1.30
N9 GDP B . 13.58 3.74 0.30
C8 GDP B . 12.22 3.73 0.47
N7 GDP B . 11.56 3.93 -0.64
C5 GDP B . 12.54 4.07 -1.61
C6 GDP B . 12.45 4.29 -3.02
O6 GDP B . 11.42 4.36 -3.71
N1 GDP B . 13.70 4.38 -3.61
C2 GDP B . 14.89 4.26 -2.97
N2 GDP B . 16.01 4.42 -3.70
N3 GDP B . 14.99 4.05 -1.66
C4 GDP B . 13.79 3.96 -1.04
MG MG C . 8.01 2.38 8.10
C1 EDO D . 3.58 -13.81 -4.12
O1 EDO D . 4.16 -13.58 -2.83
C2 EDO D . 4.63 -14.13 -5.16
O2 EDO D . 5.65 -15.00 -4.65
C4 LR4 E . -0.99 -7.46 8.43
C5 LR4 E . -3.39 -8.15 8.81
C6 LR4 E . -2.11 -8.06 9.25
C7 LR4 E . -1.97 -8.55 10.57
C8 LR4 E . -3.17 -8.99 11.13
C10 LR4 E . -0.60 -6.10 9.03
C17 LR4 E . 3.49 -9.48 8.76
C20 LR4 E . 6.16 -9.84 9.25
C21 LR4 E . 5.52 -8.73 9.75
C22 LR4 E . 4.17 -8.54 9.51
C26 LR4 E . 5.19 -12.80 7.14
C1 LR4 E . -3.90 -7.67 7.48
C11 LR4 E . 0.20 -8.41 8.42
C14 LR4 E . 2.05 -9.33 8.49
C19 LR4 E . 5.40 -10.74 8.49
C2 LR4 E . -2.88 -6.71 6.88
C23 LR4 E . -0.74 -8.62 11.31
C27 LR4 E . 5.50 -14.27 7.48
C29 LR4 E . 7.62 -13.63 8.52
C3 LR4 E . -1.47 -7.30 6.97
C30 LR4 E . 7.40 -12.15 8.22
C31 LR4 E . 7.32 -15.92 7.64
C32 LR4 E . 5.39 -12.51 5.67
N13 LR4 E . 1.29 -10.27 8.03
N15 LR4 E . 1.40 -8.13 8.74
N16 LR4 E . -3.37 -9.51 12.36
N18 LR4 E . 4.09 -10.58 8.25
N24 LR4 E . 0.22 -8.69 11.94
N25 LR4 E . 5.98 -11.89 7.98
N28 LR4 E . 6.98 -14.48 7.48
O12 LR4 E . 0.00 -9.66 7.98
S9 LR4 E . -4.46 -8.81 10.00
#